data_4ENG
#
_entry.id   4ENG
#
_cell.length_a   41.930
_cell.length_b   51.980
_cell.length_c   42.010
_cell.angle_alpha   90.00
_cell.angle_beta   97.73
_cell.angle_gamma   90.00
#
_symmetry.space_group_name_H-M   'P 1 21 1'
#
loop_
_entity.id
_entity.type
_entity.pdbx_description
1 polymer 'ENDOGLUCANASE V CELLOHEXAOSE COMPLEX'
2 branched beta-D-glucopyranose-(1-4)-beta-D-glucopyranose-(1-4)-alpha-D-glucopyranose
3 water water
#
_entity_poly.entity_id   1
_entity_poly.type   'polypeptide(L)'
_entity_poly.pdbx_seq_one_letter_code
;ADGRSTRYWNCCKPSCGWAKKAPVNQPVFSCNANFQRITDFDAKSGCEPGGVAYSCADQTPWAVNDDFALGFAATSIAGS
NEAGWCCACYELTFTSGPVAGKKMVVQSTSTGGDLGSNHFDLNIPGGGVGIFDGCTPQFGGLPGQRYGGISSRNECDRFP
DALKPGCYWRFDWFKNADNPSFSFRQVQCPAELVARTGCRRNDDGNFPAV
;
_entity_poly.pdbx_strand_id   A
#
loop_
_chem_comp.id
_chem_comp.type
_chem_comp.name
_chem_comp.formula
BGC D-saccharide, beta linking beta-D-glucopyranose 'C6 H12 O6'
GLC D-saccharide, alpha linking alpha-D-glucopyranose 'C6 H12 O6'
#
# COMPACT_ATOMS: atom_id res chain seq x y z
N ALA A 1 15.13 4.25 -11.44
CA ALA A 1 15.93 3.18 -10.79
C ALA A 1 15.24 1.83 -10.93
N ASP A 2 15.89 0.76 -10.48
CA ASP A 2 15.25 -0.55 -10.56
C ASP A 2 14.85 -1.02 -9.18
N GLY A 3 13.69 -1.69 -9.18
CA GLY A 3 13.16 -2.21 -7.93
C GLY A 3 12.54 -3.59 -8.10
N ARG A 4 12.24 -4.14 -6.93
CA ARG A 4 11.56 -5.46 -6.84
C ARG A 4 10.27 -5.27 -6.07
N SER A 5 9.26 -6.09 -6.37
CA SER A 5 7.99 -5.97 -5.67
C SER A 5 7.57 -7.29 -5.03
N THR A 6 6.75 -7.18 -4.01
CA THR A 6 6.02 -8.21 -3.30
C THR A 6 4.59 -7.69 -3.11
N ARG A 7 3.75 -8.43 -2.41
CA ARG A 7 2.35 -8.00 -2.21
C ARG A 7 2.02 -8.21 -0.74
N TYR A 8 1.18 -7.37 -0.13
CA TYR A 8 0.85 -7.57 1.29
C TYR A 8 -0.47 -6.88 1.66
N TRP A 9 -1.04 -7.34 2.76
CA TRP A 9 -2.13 -6.67 3.44
C TRP A 9 -2.15 -7.23 4.88
N ASN A 10 -1.72 -6.45 5.87
CA ASN A 10 -1.68 -6.97 7.23
C ASN A 10 -2.64 -6.27 8.18
N CYS A 11 -3.38 -5.30 7.70
CA CYS A 11 -4.37 -4.52 8.41
C CYS A 11 -3.79 -3.58 9.45
N CYS A 12 -2.46 -3.52 9.65
CA CYS A 12 -1.88 -2.65 10.67
C CYS A 12 -1.95 -1.17 10.26
N LYS A 13 -1.89 -0.30 11.27
CA LYS A 13 -1.72 1.13 11.02
C LYS A 13 -0.44 1.29 10.21
N PRO A 14 -0.44 2.04 9.13
CA PRO A 14 0.74 2.25 8.30
C PRO A 14 1.80 3.07 9.03
N SER A 15 3.11 2.86 8.80
CA SER A 15 4.12 3.62 9.54
C SER A 15 4.15 5.09 9.22
N CYS A 16 3.70 5.54 8.04
CA CYS A 16 3.66 6.97 7.75
C CYS A 16 2.36 7.57 8.32
N GLY A 17 1.62 6.81 9.09
CA GLY A 17 0.45 7.20 9.84
C GLY A 17 0.82 7.86 11.18
N TRP A 18 2.09 7.93 11.54
CA TRP A 18 2.51 8.60 12.77
C TRP A 18 3.06 10.00 12.48
N ALA A 19 2.85 10.95 13.41
CA ALA A 19 3.44 12.27 13.23
C ALA A 19 4.95 12.16 13.43
N LYS A 20 5.73 13.10 12.91
CA LYS A 20 7.17 13.19 13.06
C LYS A 20 7.96 12.23 12.18
N LYS A 21 7.30 11.49 11.30
CA LYS A 21 7.96 10.55 10.41
C LYS A 21 8.59 11.27 9.22
N ALA A 22 7.94 12.31 8.70
CA ALA A 22 8.44 13.03 7.51
C ALA A 22 7.89 14.46 7.47
N PRO A 23 8.43 15.30 6.64
CA PRO A 23 8.01 16.69 6.46
C PRO A 23 6.77 16.74 5.57
N VAL A 24 5.61 16.54 6.19
CA VAL A 24 4.32 16.48 5.51
C VAL A 24 3.29 17.39 6.15
N ASN A 25 2.18 17.64 5.47
CA ASN A 25 1.11 18.45 6.07
C ASN A 25 0.42 17.74 7.21
N GLN A 26 0.24 16.41 7.10
CA GLN A 26 -0.36 15.58 8.16
C GLN A 26 -0.06 14.13 7.81
N PRO A 27 -0.02 13.25 8.78
CA PRO A 27 0.24 11.84 8.56
C PRO A 27 -0.87 11.20 7.74
N VAL A 28 -0.54 10.01 7.25
CA VAL A 28 -1.53 9.23 6.49
C VAL A 28 -2.69 8.86 7.39
N PHE A 29 -3.97 8.96 6.94
CA PHE A 29 -5.06 8.56 7.81
C PHE A 29 -5.06 7.09 8.20
N SER A 30 -5.43 6.80 9.45
CA SER A 30 -5.71 5.42 9.86
C SER A 30 -7.23 5.30 10.01
N CYS A 31 -7.74 4.08 10.17
CA CYS A 31 -9.16 3.85 10.30
C CYS A 31 -9.50 3.03 11.53
N ASN A 32 -10.80 2.98 11.88
CA ASN A 32 -11.19 2.11 13.00
C ASN A 32 -11.35 0.69 12.50
N ALA A 33 -11.80 -0.27 13.30
CA ALA A 33 -11.93 -1.66 12.84
C ALA A 33 -12.98 -1.87 11.74
N ASN A 34 -13.90 -0.91 11.59
CA ASN A 34 -14.94 -0.97 10.58
C ASN A 34 -14.61 -0.13 9.35
N PHE A 35 -13.32 0.11 9.11
CA PHE A 35 -12.83 0.81 7.93
C PHE A 35 -13.27 2.27 7.84
N GLN A 36 -13.50 2.93 8.97
CA GLN A 36 -13.95 4.32 8.98
C GLN A 36 -12.81 5.19 9.49
N ARG A 37 -12.59 6.28 8.77
CA ARG A 37 -11.49 7.22 9.04
C ARG A 37 -11.53 7.80 10.43
N ILE A 38 -10.38 7.79 11.11
CA ILE A 38 -10.26 8.45 12.42
C ILE A 38 -9.22 9.58 12.28
N THR A 39 -9.26 10.54 13.21
CA THR A 39 -8.26 11.61 13.11
C THR A 39 -7.25 11.59 14.26
N ASP A 40 -7.29 10.65 15.19
CA ASP A 40 -6.25 10.67 16.24
C ASP A 40 -5.00 10.01 15.68
N PHE A 41 -4.01 10.80 15.29
CA PHE A 41 -2.79 10.24 14.70
C PHE A 41 -1.90 9.53 15.70
N ASP A 42 -2.16 9.69 16.99
CA ASP A 42 -1.39 9.02 18.03
C ASP A 42 -2.02 7.70 18.47
N ALA A 43 -3.10 7.30 17.85
CA ALA A 43 -3.82 6.09 18.21
C ALA A 43 -2.95 4.88 17.91
N LYS A 44 -2.95 4.02 18.91
CA LYS A 44 -2.25 2.75 18.98
C LYS A 44 -2.59 1.81 17.84
N SER A 45 -1.62 1.19 17.18
CA SER A 45 -1.87 0.31 16.04
C SER A 45 -2.61 -0.95 16.48
N GLY A 46 -3.56 -1.40 15.67
CA GLY A 46 -4.31 -2.62 15.90
C GLY A 46 -3.43 -3.88 15.83
N CYS A 47 -2.20 -3.79 15.35
CA CYS A 47 -1.27 -4.92 15.37
C CYS A 47 -0.57 -5.13 16.71
N GLU A 48 -0.77 -4.22 17.64
CA GLU A 48 -0.31 -4.20 19.02
C GLU A 48 -1.54 -4.45 19.90
N PRO A 49 -1.38 -5.14 21.02
CA PRO A 49 -2.46 -5.49 21.91
C PRO A 49 -3.17 -4.28 22.46
N GLY A 50 -4.50 -4.22 22.41
CA GLY A 50 -5.23 -3.03 22.86
C GLY A 50 -5.14 -1.86 21.88
N GLY A 51 -4.73 -2.12 20.64
CA GLY A 51 -4.61 -1.03 19.64
C GLY A 51 -5.96 -0.85 18.96
N VAL A 52 -6.28 0.30 18.38
CA VAL A 52 -7.55 0.57 17.73
C VAL A 52 -7.43 1.10 16.31
N ALA A 53 -6.21 1.30 15.81
CA ALA A 53 -6.04 1.90 14.49
C ALA A 53 -5.56 0.90 13.44
N TYR A 54 -6.34 0.77 12.37
CA TYR A 54 -6.08 -0.20 11.31
C TYR A 54 -5.95 0.47 9.95
N SER A 55 -5.47 -0.29 8.96
CA SER A 55 -5.33 0.26 7.61
C SER A 55 -6.69 0.53 7.00
N CYS A 56 -6.90 1.70 6.40
CA CYS A 56 -8.17 2.02 5.76
C CYS A 56 -8.28 1.19 4.48
N ALA A 57 -9.50 0.78 4.14
CA ALA A 57 -9.75 -0.05 2.96
C ALA A 57 -9.67 0.70 1.65
N ASP A 58 -9.76 2.03 1.69
CA ASP A 58 -9.60 2.79 0.46
C ASP A 58 -8.13 3.03 0.13
N GLN A 59 -7.19 2.55 0.95
CA GLN A 59 -5.78 2.63 0.57
C GLN A 59 -5.42 1.33 -0.13
N THR A 60 -6.08 1.14 -1.28
CA THR A 60 -6.02 -0.06 -2.12
C THR A 60 -6.00 0.39 -3.57
N PRO A 61 -5.47 -0.43 -4.46
CA PRO A 61 -5.29 -0.09 -5.85
C PRO A 61 -6.55 -0.14 -6.67
N TRP A 62 -6.56 0.60 -7.77
CA TRP A 62 -7.67 0.57 -8.71
C TRP A 62 -7.12 0.84 -10.12
N ALA A 63 -7.87 0.35 -11.10
CA ALA A 63 -7.49 0.52 -12.49
C ALA A 63 -8.03 1.85 -13.00
N VAL A 64 -7.20 2.59 -13.70
CA VAL A 64 -7.66 3.82 -14.35
C VAL A 64 -8.02 3.41 -15.78
N ASN A 65 -7.25 2.53 -16.41
CA ASN A 65 -7.55 1.95 -17.71
C ASN A 65 -6.74 0.67 -17.81
N ASP A 66 -6.76 -0.06 -18.94
CA ASP A 66 -6.01 -1.31 -18.98
C ASP A 66 -4.51 -1.17 -18.86
N ASP A 67 -3.89 -0.03 -19.15
CA ASP A 67 -2.46 0.13 -19.02
C ASP A 67 -2.02 0.98 -17.82
N PHE A 68 -2.97 1.52 -17.08
CA PHE A 68 -2.58 2.39 -15.97
C PHE A 68 -3.42 2.19 -14.72
N ALA A 69 -2.76 2.02 -13.57
CA ALA A 69 -3.46 1.86 -12.29
C ALA A 69 -2.85 2.80 -11.25
N LEU A 70 -3.58 3.02 -10.17
CA LEU A 70 -3.17 3.85 -9.05
C LEU A 70 -3.21 2.98 -7.79
N GLY A 71 -2.30 3.25 -6.86
CA GLY A 71 -2.30 2.43 -5.65
C GLY A 71 -1.29 2.94 -4.64
N PHE A 72 -1.02 2.03 -3.68
CA PHE A 72 -0.22 2.35 -2.51
C PHE A 72 0.80 1.27 -2.25
N ALA A 73 1.84 1.62 -1.49
CA ALA A 73 2.87 0.61 -1.19
C ALA A 73 3.66 0.89 0.06
N ALA A 74 4.25 -0.16 0.62
CA ALA A 74 5.20 -0.08 1.72
C ALA A 74 6.57 -0.10 1.03
N THR A 75 7.46 0.85 1.32
CA THR A 75 8.70 0.95 0.57
C THR A 75 9.97 0.92 1.42
N SER A 76 11.05 0.44 0.79
CA SER A 76 12.39 0.56 1.35
C SER A 76 13.28 0.98 0.18
N ILE A 77 13.78 2.21 0.20
CA ILE A 77 14.56 2.75 -0.91
C ILE A 77 16.02 2.94 -0.45
N ALA A 78 16.92 2.40 -1.28
CA ALA A 78 18.35 2.45 -0.96
C ALA A 78 18.85 3.87 -0.72
N GLY A 79 19.58 4.10 0.35
CA GLY A 79 20.13 5.44 0.61
C GLY A 79 19.09 6.42 1.11
N SER A 80 17.89 5.96 1.46
CA SER A 80 16.86 6.87 1.96
C SER A 80 16.38 6.37 3.31
N ASN A 81 15.24 6.89 3.75
CA ASN A 81 14.67 6.57 5.05
C ASN A 81 13.23 7.09 5.05
N GLU A 82 12.52 6.80 6.13
CA GLU A 82 11.10 7.18 6.22
C GLU A 82 10.89 8.67 6.01
N ALA A 83 11.79 9.52 6.50
CA ALA A 83 11.69 10.96 6.28
C ALA A 83 11.80 11.29 4.79
N GLY A 84 12.49 10.47 4.01
CA GLY A 84 12.60 10.73 2.58
C GLY A 84 11.49 10.08 1.76
N TRP A 85 10.89 8.96 2.14
CA TRP A 85 9.90 8.34 1.27
C TRP A 85 8.47 8.50 1.78
N CYS A 86 8.23 8.79 3.06
CA CYS A 86 6.81 8.78 3.49
C CYS A 86 5.96 9.74 2.69
N CYS A 87 4.85 9.26 2.13
CA CYS A 87 3.91 10.05 1.33
C CYS A 87 4.41 10.52 -0.04
N ALA A 88 5.60 10.10 -0.44
CA ALA A 88 6.14 10.43 -1.77
C ALA A 88 5.42 9.52 -2.76
N CYS A 89 5.32 9.93 -4.01
CA CYS A 89 4.67 9.08 -5.01
C CYS A 89 5.70 8.72 -6.06
N TYR A 90 5.55 7.50 -6.59
CA TYR A 90 6.50 6.94 -7.53
C TYR A 90 5.72 6.29 -8.67
N GLU A 91 6.23 6.46 -9.87
CA GLU A 91 5.65 5.85 -11.06
C GLU A 91 6.49 4.62 -11.41
N LEU A 92 5.83 3.46 -11.39
CA LEU A 92 6.49 2.21 -11.66
C LEU A 92 6.13 1.77 -13.09
N THR A 93 7.15 1.34 -13.82
CA THR A 93 6.86 0.80 -15.18
C THR A 93 7.22 -0.67 -15.05
N PHE A 94 6.27 -1.60 -15.11
CA PHE A 94 6.68 -3.00 -14.88
C PHE A 94 7.56 -3.54 -16.01
N THR A 95 8.59 -4.30 -15.64
CA THR A 95 9.52 -4.87 -16.58
C THR A 95 9.46 -6.38 -16.67
N SER A 96 8.63 -7.03 -15.88
CA SER A 96 8.53 -8.50 -15.95
C SER A 96 7.09 -8.91 -15.69
N GLY A 97 6.82 -10.20 -15.89
CA GLY A 97 5.49 -10.76 -15.68
C GLY A 97 4.50 -10.37 -16.76
N PRO A 98 3.25 -10.74 -16.55
CA PRO A 98 2.14 -10.45 -17.44
C PRO A 98 1.78 -8.99 -17.54
N VAL A 99 2.28 -8.16 -16.64
CA VAL A 99 2.06 -6.71 -16.66
C VAL A 99 3.22 -5.93 -17.23
N ALA A 100 4.21 -6.57 -17.85
CA ALA A 100 5.35 -5.86 -18.42
C ALA A 100 4.84 -4.78 -19.36
N GLY A 101 5.34 -3.55 -19.20
CA GLY A 101 4.90 -2.42 -19.99
C GLY A 101 3.81 -1.59 -19.36
N LYS A 102 3.02 -2.10 -18.43
CA LYS A 102 1.98 -1.32 -17.78
C LYS A 102 2.66 -0.43 -16.75
N LYS A 103 1.99 0.64 -16.35
CA LYS A 103 2.53 1.54 -15.34
C LYS A 103 1.54 1.70 -14.20
N MET A 104 2.08 2.06 -13.03
CA MET A 104 1.17 2.35 -11.90
C MET A 104 1.80 3.45 -11.08
N VAL A 105 1.02 4.40 -10.59
CA VAL A 105 1.61 5.41 -9.69
C VAL A 105 1.17 5.06 -8.28
N VAL A 106 2.13 4.88 -7.36
CA VAL A 106 1.79 4.54 -5.98
C VAL A 106 2.21 5.65 -5.02
N GLN A 107 1.53 5.73 -3.89
CA GLN A 107 1.98 6.62 -2.82
C GLN A 107 2.56 5.70 -1.74
N SER A 108 3.73 6.04 -1.23
CA SER A 108 4.38 5.25 -0.18
C SER A 108 3.73 5.60 1.15
N THR A 109 3.11 4.63 1.80
CA THR A 109 2.45 4.93 3.08
C THR A 109 3.09 4.16 4.23
N SER A 110 4.13 3.35 4.02
CA SER A 110 4.77 2.66 5.15
C SER A 110 5.97 1.83 4.69
N THR A 111 6.53 0.97 5.53
CA THR A 111 7.75 0.20 5.19
C THR A 111 7.72 -1.07 6.03
N GLY A 112 8.71 -1.94 6.06
CA GLY A 112 8.67 -3.13 6.92
C GLY A 112 10.11 -3.49 7.27
N GLY A 113 10.38 -4.16 8.37
CA GLY A 113 11.75 -4.50 8.76
C GLY A 113 12.37 -5.54 7.84
N ASP A 114 11.56 -6.30 7.12
CA ASP A 114 11.94 -7.36 6.22
C ASP A 114 12.10 -6.94 4.76
N LEU A 115 11.95 -5.66 4.45
CA LEU A 115 12.08 -5.22 3.07
C LEU A 115 13.55 -5.08 2.65
N GLY A 116 13.84 -5.47 1.41
CA GLY A 116 15.23 -5.31 0.94
C GLY A 116 15.44 -3.93 0.35
N SER A 117 16.49 -3.83 -0.45
CA SER A 117 16.90 -2.60 -1.13
C SER A 117 16.00 -2.30 -2.32
N ASN A 118 15.43 -1.12 -2.45
CA ASN A 118 14.53 -0.72 -3.53
C ASN A 118 13.41 -1.76 -3.70
N HIS A 119 12.71 -1.96 -2.58
CA HIS A 119 11.67 -2.98 -2.48
C HIS A 119 10.33 -2.32 -2.21
N PHE A 120 9.38 -2.56 -3.12
CA PHE A 120 8.03 -2.01 -2.98
C PHE A 120 7.07 -3.15 -2.67
N ASP A 121 6.47 -3.10 -1.51
CA ASP A 121 5.50 -4.11 -1.06
C ASP A 121 4.12 -3.54 -1.35
N LEU A 122 3.51 -3.94 -2.45
CA LEU A 122 2.24 -3.36 -2.89
C LEU A 122 1.03 -3.70 -2.03
N ASN A 123 0.26 -2.69 -1.65
CA ASN A 123 -0.95 -2.90 -0.86
C ASN A 123 -1.95 -3.71 -1.69
N ILE A 124 -2.19 -4.98 -1.33
CA ILE A 124 -3.17 -5.79 -2.06
C ILE A 124 -3.88 -6.68 -1.06
N PRO A 125 -5.13 -6.43 -0.74
CA PRO A 125 -5.88 -7.25 0.20
C PRO A 125 -5.78 -8.72 -0.22
N GLY A 126 -5.41 -9.65 0.63
CA GLY A 126 -5.25 -11.05 0.21
C GLY A 126 -3.85 -11.36 -0.31
N GLY A 127 -2.94 -10.39 -0.25
CA GLY A 127 -1.56 -10.64 -0.71
C GLY A 127 -0.67 -11.18 0.39
N GLY A 128 -1.12 -11.26 1.64
CA GLY A 128 -0.33 -11.90 2.69
C GLY A 128 -0.13 -10.98 3.88
N VAL A 129 -0.41 -11.45 5.09
CA VAL A 129 -0.20 -10.61 6.27
C VAL A 129 1.28 -10.45 6.60
N GLY A 130 2.09 -11.49 6.39
CA GLY A 130 3.53 -11.39 6.66
C GLY A 130 3.84 -11.46 8.15
N ILE A 131 4.68 -10.57 8.65
CA ILE A 131 5.09 -10.63 10.05
C ILE A 131 3.95 -10.42 11.03
N PHE A 132 3.15 -9.36 10.87
CA PHE A 132 2.10 -9.07 11.83
C PHE A 132 0.73 -9.44 11.28
N ASP A 133 -0.14 -9.98 12.11
CA ASP A 133 -1.48 -10.28 11.60
C ASP A 133 -2.47 -9.38 12.34
N GLY A 134 -2.81 -8.26 11.72
CA GLY A 134 -3.76 -7.34 12.33
C GLY A 134 -5.17 -7.67 11.84
N CYS A 135 -5.34 -8.48 10.82
CA CYS A 135 -6.67 -8.77 10.26
C CYS A 135 -7.44 -9.75 11.14
N THR A 136 -6.74 -10.62 11.89
CA THR A 136 -7.45 -11.52 12.84
C THR A 136 -8.20 -10.71 13.87
N PRO A 137 -7.52 -9.86 14.64
CA PRO A 137 -8.14 -9.01 15.62
C PRO A 137 -9.18 -8.07 15.00
N GLN A 138 -8.87 -7.51 13.82
CA GLN A 138 -9.78 -6.54 13.22
C GLN A 138 -11.17 -7.08 12.89
N PHE A 139 -11.21 -8.20 12.17
CA PHE A 139 -12.49 -8.71 11.69
C PHE A 139 -12.52 -10.23 11.62
N GLY A 140 -11.58 -10.93 12.25
CA GLY A 140 -11.65 -12.39 12.19
C GLY A 140 -10.60 -13.03 11.33
N GLY A 141 -9.86 -12.26 10.52
CA GLY A 141 -8.83 -12.87 9.70
C GLY A 141 -9.22 -12.99 8.24
N LEU A 142 -8.18 -13.02 7.42
CA LEU A 142 -8.29 -13.18 5.97
C LEU A 142 -7.69 -14.54 5.61
N PRO A 143 -8.25 -15.23 4.63
CA PRO A 143 -7.75 -16.50 4.16
C PRO A 143 -6.40 -16.31 3.45
N GLY A 144 -5.74 -17.42 3.16
CA GLY A 144 -4.49 -17.47 2.46
C GLY A 144 -3.24 -17.76 3.27
N GLN A 145 -2.12 -17.96 2.58
CA GLN A 145 -0.85 -18.22 3.23
C GLN A 145 -0.33 -16.92 3.87
N ARG A 146 0.48 -17.08 4.90
CA ARG A 146 1.06 -15.94 5.58
C ARG A 146 1.82 -15.06 4.59
N TYR A 147 2.68 -15.65 3.76
CA TYR A 147 3.43 -14.88 2.77
C TYR A 147 2.84 -15.25 1.41
N GLY A 148 2.21 -14.30 0.72
CA GLY A 148 1.62 -14.64 -0.58
C GLY A 148 0.11 -14.69 -0.57
N GLY A 149 -0.54 -14.89 0.57
CA GLY A 149 -1.99 -14.80 0.61
C GLY A 149 -2.77 -15.83 -0.21
N ILE A 150 -3.91 -15.41 -0.73
CA ILE A 150 -4.83 -16.26 -1.46
C ILE A 150 -4.25 -16.66 -2.81
N SER A 151 -4.88 -17.63 -3.50
CA SER A 151 -4.32 -18.08 -4.78
C SER A 151 -5.29 -18.04 -5.94
N SER A 152 -6.57 -17.90 -5.67
CA SER A 152 -7.59 -17.87 -6.70
C SER A 152 -8.47 -16.64 -6.58
N ARG A 153 -8.95 -16.11 -7.70
CA ARG A 153 -9.82 -14.93 -7.64
C ARG A 153 -11.11 -15.14 -6.88
N ASN A 154 -11.70 -16.33 -6.96
CA ASN A 154 -12.96 -16.59 -6.25
C ASN A 154 -12.80 -16.52 -4.75
N GLU A 155 -11.60 -16.64 -4.19
CA GLU A 155 -11.39 -16.44 -2.77
C GLU A 155 -11.63 -14.99 -2.33
N CYS A 156 -11.65 -14.02 -3.25
CA CYS A 156 -11.99 -12.65 -2.90
C CYS A 156 -13.46 -12.49 -2.54
N ASP A 157 -14.30 -13.39 -3.04
CA ASP A 157 -15.74 -13.35 -2.81
C ASP A 157 -16.18 -13.37 -1.36
N ARG A 158 -15.40 -13.91 -0.43
CA ARG A 158 -15.68 -13.92 0.97
C ARG A 158 -14.93 -12.82 1.73
N PHE A 159 -14.34 -11.88 1.02
CA PHE A 159 -13.63 -10.84 1.81
C PHE A 159 -14.67 -9.88 2.34
N PRO A 160 -14.34 -9.22 3.42
CA PRO A 160 -15.16 -8.10 3.93
C PRO A 160 -15.42 -7.24 2.70
N ASP A 161 -16.62 -6.70 2.50
CA ASP A 161 -16.92 -5.96 1.29
C ASP A 161 -15.98 -4.83 0.94
N ALA A 162 -15.56 -4.04 1.93
CA ALA A 162 -14.61 -2.97 1.72
C ALA A 162 -13.30 -3.49 1.11
N LEU A 163 -12.84 -4.70 1.37
CA LEU A 163 -11.56 -5.15 0.79
C LEU A 163 -11.68 -5.87 -0.53
N LYS A 164 -12.90 -6.08 -1.03
CA LYS A 164 -13.12 -6.82 -2.26
C LYS A 164 -12.53 -6.21 -3.51
N PRO A 165 -12.76 -4.94 -3.80
CA PRO A 165 -12.21 -4.27 -4.96
C PRO A 165 -10.70 -4.39 -5.09
N GLY A 166 -9.98 -4.18 -3.98
CA GLY A 166 -8.52 -4.32 -4.04
C GLY A 166 -8.13 -5.77 -4.30
N CYS A 167 -8.87 -6.70 -3.68
CA CYS A 167 -8.59 -8.11 -3.88
C CYS A 167 -8.76 -8.48 -5.34
N TYR A 168 -9.89 -8.15 -5.95
CA TYR A 168 -10.10 -8.49 -7.36
C TYR A 168 -9.11 -7.88 -8.33
N TRP A 169 -8.68 -6.65 -8.06
CA TRP A 169 -7.72 -5.94 -8.88
C TRP A 169 -6.50 -6.79 -9.19
N ARG A 170 -6.02 -7.51 -8.19
CA ARG A 170 -4.87 -8.38 -8.29
C ARG A 170 -4.97 -9.38 -9.44
N PHE A 171 -6.16 -9.94 -9.67
CA PHE A 171 -6.34 -10.93 -10.72
C PHE A 171 -6.80 -10.30 -12.02
N ASP A 172 -7.39 -9.12 -11.94
CA ASP A 172 -7.95 -8.46 -13.11
C ASP A 172 -6.93 -7.57 -13.78
N TRP A 173 -6.69 -6.36 -13.27
CA TRP A 173 -5.69 -5.51 -13.92
C TRP A 173 -4.28 -6.05 -13.83
N PHE A 174 -3.90 -6.56 -12.66
CA PHE A 174 -2.59 -7.02 -12.33
C PHE A 174 -2.29 -8.43 -12.86
N LYS A 175 -3.33 -9.14 -13.29
CA LYS A 175 -3.17 -10.45 -13.89
C LYS A 175 -2.54 -11.48 -12.99
N ASN A 176 -2.69 -11.36 -11.67
CA ASN A 176 -2.02 -12.24 -10.71
C ASN A 176 -0.51 -12.27 -10.89
N ALA A 177 0.08 -11.17 -11.32
CA ALA A 177 1.52 -11.12 -11.56
C ALA A 177 2.27 -11.56 -10.32
N ASP A 178 3.31 -12.37 -10.44
CA ASP A 178 4.02 -12.81 -9.25
C ASP A 178 5.30 -12.02 -9.02
N ASN A 179 5.27 -11.09 -8.09
CA ASN A 179 6.38 -10.24 -7.76
C ASN A 179 7.09 -9.68 -8.97
N PRO A 180 6.42 -8.93 -9.82
CA PRO A 180 7.03 -8.34 -11.00
C PRO A 180 8.07 -7.28 -10.66
N SER A 181 9.07 -7.21 -11.53
CA SER A 181 10.13 -6.20 -11.46
C SER A 181 9.62 -4.92 -12.11
N PHE A 182 10.28 -3.80 -11.81
CA PHE A 182 9.88 -2.52 -12.42
C PHE A 182 11.03 -1.53 -12.36
N SER A 183 10.83 -0.44 -13.10
CA SER A 183 11.68 0.73 -13.12
C SER A 183 10.85 1.79 -12.37
N PHE A 184 11.48 2.72 -11.68
CA PHE A 184 10.68 3.72 -10.97
C PHE A 184 11.41 5.06 -10.90
N ARG A 185 10.61 6.11 -10.84
CA ARG A 185 11.08 7.48 -10.68
C ARG A 185 10.09 8.16 -9.74
N GLN A 186 10.49 9.22 -9.05
CA GLN A 186 9.58 9.92 -8.14
C GLN A 186 8.77 10.93 -8.92
N VAL A 187 7.49 11.07 -8.62
CA VAL A 187 6.59 12.01 -9.27
C VAL A 187 5.79 12.78 -8.22
N GLN A 188 5.21 13.88 -8.65
CA GLN A 188 4.26 14.64 -7.84
C GLN A 188 3.03 13.77 -7.63
N CYS A 189 2.51 13.68 -6.39
CA CYS A 189 1.36 12.79 -6.16
C CYS A 189 0.08 13.25 -6.85
N PRO A 190 -0.57 12.35 -7.56
CA PRO A 190 -1.85 12.65 -8.16
C PRO A 190 -2.77 13.05 -7.01
N ALA A 191 -3.69 13.97 -7.26
CA ALA A 191 -4.70 14.37 -6.28
C ALA A 191 -5.56 13.21 -5.81
N GLU A 192 -5.79 12.17 -6.61
CA GLU A 192 -6.59 11.03 -6.23
C GLU A 192 -6.03 10.23 -5.05
N LEU A 193 -4.71 10.17 -5.01
CA LEU A 193 -3.99 9.44 -3.95
C LEU A 193 -3.96 10.25 -2.67
N VAL A 194 -3.71 11.56 -2.74
CA VAL A 194 -3.67 12.39 -1.52
C VAL A 194 -5.05 12.54 -0.90
N ALA A 195 -6.10 12.52 -1.73
CA ALA A 195 -7.48 12.50 -1.23
C ALA A 195 -7.72 11.29 -0.33
N ARG A 196 -7.10 10.12 -0.52
CA ARG A 196 -7.35 8.98 0.34
C ARG A 196 -6.47 9.04 1.59
N THR A 197 -5.20 9.43 1.49
CA THR A 197 -4.35 9.44 2.67
C THR A 197 -4.31 10.73 3.46
N GLY A 198 -4.65 11.85 2.82
CA GLY A 198 -4.57 13.18 3.42
C GLY A 198 -3.15 13.72 3.48
N CYS A 199 -2.15 12.94 3.07
CA CYS A 199 -0.74 13.24 3.28
C CYS A 199 0.01 13.61 2.02
N ARG A 200 0.54 14.86 2.02
CA ARG A 200 1.32 15.41 0.96
C ARG A 200 2.62 16.00 1.53
N ARG A 201 3.72 15.62 0.92
CA ARG A 201 5.03 16.11 1.36
C ARG A 201 5.19 17.59 0.98
N ASN A 202 5.97 18.31 1.76
CA ASN A 202 6.27 19.70 1.46
C ASN A 202 7.11 19.86 0.19
N ASP A 203 7.83 18.81 -0.13
CA ASP A 203 8.66 18.82 -1.33
C ASP A 203 7.96 18.20 -2.53
N ASP A 204 6.72 17.79 -2.45
CA ASP A 204 5.99 17.15 -3.56
C ASP A 204 5.99 17.93 -4.85
N GLY A 205 5.89 19.27 -4.73
CA GLY A 205 5.86 20.17 -5.87
C GLY A 205 7.14 20.29 -6.65
N ASN A 206 8.25 19.68 -6.22
CA ASN A 206 9.50 19.68 -6.94
C ASN A 206 9.60 18.61 -8.03
N PHE A 207 8.72 17.61 -7.99
CA PHE A 207 8.89 16.49 -8.94
C PHE A 207 7.98 16.66 -10.11
N PRO A 208 8.17 15.95 -11.20
CA PRO A 208 7.32 16.03 -12.38
C PRO A 208 5.91 15.56 -12.10
N ALA A 209 4.91 16.19 -12.68
CA ALA A 209 3.52 15.76 -12.52
C ALA A 209 3.33 14.62 -13.51
N VAL A 210 2.44 13.67 -13.23
CA VAL A 210 2.17 12.60 -14.19
C VAL A 210 1.12 13.04 -15.22
C1 GLC B . 4.73 -2.90 9.01
C2 GLC B . 3.57 -2.64 9.92
C3 GLC B . 3.72 -1.18 10.46
C4 GLC B . 5.06 -1.14 11.14
C5 GLC B . 6.18 -1.57 10.24
C6 GLC B . 7.58 -1.51 10.77
O1 GLC B . 4.61 -4.25 8.48
O2 GLC B . 2.39 -2.65 9.08
O3 GLC B . 2.62 -0.95 11.29
O4 GLC B . 5.36 0.28 11.44
O5 GLC B . 5.96 -2.89 9.73
O6 GLC B . 7.70 -2.48 11.80
C2 BGC B . 6.23 2.00 12.78
C3 BGC B . 6.58 2.32 14.23
C4 BGC B . 5.42 1.87 15.14
C5 BGC B . 5.10 0.43 15.01
C6 BGC B . 4.01 -0.12 15.85
C1 BGC B . 5.80 0.53 12.72
O2 BGC B . 7.42 2.07 12.01
O3 BGC B . 6.75 3.71 14.34
O4 BGC B . 5.83 2.16 16.51
O5 BGC B . 4.71 0.27 13.61
O6 BGC B . 2.81 0.59 15.71
C2 BGC B . 5.42 3.05 18.68
C3 BGC B . 4.81 4.23 19.43
C4 BGC B . 5.37 5.54 18.88
C5 BGC B . 5.18 5.59 17.38
C6 BGC B . 5.72 6.84 16.74
C1 BGC B . 5.18 3.21 17.18
O2 BGC B . 4.85 1.85 19.15
O3 BGC B . 5.02 4.03 20.80
O4 BGC B . 4.74 6.68 19.47
O5 BGC B . 5.82 4.44 16.77
O6 BGC B . 7.11 6.92 16.74
C1 GLC C . 8.17 -18.19 -5.63
C2 GLC C . 6.79 -17.67 -5.41
C3 GLC C . 6.98 -16.21 -4.91
C4 GLC C . 7.82 -16.33 -3.66
C5 GLC C . 9.09 -17.10 -3.81
C6 GLC C . 9.89 -17.33 -2.54
O1 GLC C . 8.16 -19.45 -6.31
O2 GLC C . 6.03 -17.75 -6.61
O3 GLC C . 5.71 -15.68 -4.75
O4 GLC C . 8.14 -15.01 -3.14
O5 GLC C . 8.80 -18.39 -4.37
O6 GLC C . 9.12 -17.98 -1.56
C2 BGC C . 8.27 -13.75 -1.21
C3 BGC C . 7.44 -13.36 0.02
C4 BGC C . 6.23 -12.57 -0.53
C5 BGC C . 5.41 -13.32 -1.52
C6 BGC C . 4.34 -12.55 -2.23
C1 BGC C . 7.36 -14.64 -2.05
O2 BGC C . 9.41 -14.50 -0.81
O3 BGC C . 8.27 -12.61 0.85
O4 BGC C . 5.36 -12.34 0.61
O5 BGC C . 6.25 -13.88 -2.56
O6 BGC C . 4.84 -11.34 -2.74
C2 BGC C . 4.17 -11.06 2.17
C3 BGC C . 4.07 -9.69 2.80
C4 BGC C . 5.46 -9.25 3.27
C5 BGC C . 6.44 -9.28 2.14
C6 BGC C . 7.86 -8.95 2.53
C1 BGC C . 5.19 -10.99 1.04
O2 BGC C . 2.92 -11.52 1.63
O3 BGC C . 3.12 -9.71 3.85
O4 BGC C . 5.40 -7.91 3.84
O5 BGC C . 6.47 -10.61 1.58
O6 BGC C . 8.36 -9.88 3.45
#